data_8PQD
#
_entry.id   8PQD
#
_cell.length_a   59.390
_cell.length_b   59.370
_cell.length_c   192.890
_cell.angle_alpha   90.000
_cell.angle_beta   90.000
_cell.angle_gamma   90.000
#
_symmetry.space_group_name_H-M   'P 21 21 21'
#
loop_
_entity.id
_entity.type
_entity.pdbx_description
1 polymer 'Mast/stem cell growth factor receptor Kit'
2 non-polymer ~{N}-[(1~{S})-1-(4-fluorophenyl)-1-[2-[4-[6-(1-methylpyrazol-4-yl)pyrrolo[2,1-f][1,2,4]triazin-4-yl]piperazin-1-yl]pyrimidin-5-yl]ethyl]ethanamide
3 water water
#
_entity_poly.entity_id   1
_entity_poly.type   'polypeptide(L)'
_entity_poly.pdbx_seq_one_letter_code
;GSMPMYEVQWKVVEESNGNNYSYIDPTQLPYDHKWEFPRNRLSFGKTLGAGAFGKVVEATAQGLIKSDAAMTVAVKMLKP
SAHSTEREALMSELKVLSYLGNHENIVNLLGACTHGGPTLVITEYCCYGDLLNFLRRKRDEFVPYKVAPEDLYKDFLTLE
HLLSFSYQVAKGMAFLASKNCIHRDLAARNILLTHGNITKICDFGLARDIKNDSNYVDKGNARLPVKWMAPESIFNSVYT
FESDVWSYGIFLWELFSLGSSPYPGMPVDSKFYKMIKEGFRMSSPEYAPAEMYDIMKTCWDADPDKRPTFKQIVQDIEKQ
ISESTNH
;
_entity_poly.pdbx_strand_id   A,B
#
# COMPACT_ATOMS: atom_id res chain seq x y z
N ASN A 19 31.04 -17.39 -17.62
CA ASN A 19 30.30 -16.14 -17.49
C ASN A 19 31.18 -15.02 -16.99
N ASN A 20 31.05 -13.85 -17.63
CA ASN A 20 31.89 -12.72 -17.26
C ASN A 20 31.35 -11.92 -16.09
N TYR A 21 30.06 -12.09 -15.77
CA TYR A 21 29.46 -11.46 -14.60
C TYR A 21 28.95 -12.54 -13.66
N SER A 22 29.10 -12.32 -12.35
CA SER A 22 28.62 -13.30 -11.40
C SER A 22 28.26 -12.61 -10.10
N TYR A 23 27.49 -13.32 -9.27
CA TYR A 23 27.20 -12.86 -7.93
C TYR A 23 28.36 -13.22 -7.03
N ILE A 24 28.87 -12.23 -6.31
CA ILE A 24 29.98 -12.46 -5.39
C ILE A 24 29.46 -13.19 -4.16
N ASP A 25 29.99 -14.38 -3.89
CA ASP A 25 29.59 -15.18 -2.74
C ASP A 25 30.36 -14.67 -1.53
N PRO A 26 29.72 -14.05 -0.54
CA PRO A 26 30.49 -13.47 0.57
C PRO A 26 31.27 -14.52 1.35
N THR A 27 30.84 -15.79 1.32
CA THR A 27 31.58 -16.83 2.03
C THR A 27 32.83 -17.28 1.28
N GLN A 28 33.01 -16.88 0.02
CA GLN A 28 34.23 -17.18 -0.71
C GLN A 28 35.28 -16.09 -0.56
N LEU A 29 34.91 -14.94 -0.02
CA LEU A 29 35.84 -13.85 0.11
C LEU A 29 36.87 -14.12 1.21
N PRO A 30 38.05 -13.55 1.10
CA PRO A 30 39.03 -13.71 2.17
C PRO A 30 38.53 -13.12 3.48
N TYR A 31 38.92 -13.76 4.58
CA TYR A 31 38.75 -13.12 5.88
C TYR A 31 39.52 -11.82 5.92
N ASP A 32 38.88 -10.74 6.38
CA ASP A 32 39.51 -9.44 6.49
C ASP A 32 40.11 -9.29 7.89
N HIS A 33 41.43 -9.14 7.95
CA HIS A 33 42.12 -9.09 9.24
C HIS A 33 41.87 -7.81 10.01
N LYS A 34 41.15 -6.84 9.44
CA LYS A 34 40.69 -5.70 10.23
C LYS A 34 39.93 -6.16 11.47
N TRP A 35 39.33 -7.36 11.42
CA TRP A 35 38.57 -7.86 12.55
C TRP A 35 39.44 -8.49 13.64
N GLU A 36 40.69 -8.80 13.34
CA GLU A 36 41.46 -9.67 14.22
C GLU A 36 41.73 -8.98 15.55
N PHE A 37 41.51 -9.71 16.64
CA PHE A 37 41.72 -9.25 18.01
C PHE A 37 42.51 -10.29 18.78
N PRO A 38 43.43 -9.89 19.66
CA PRO A 38 44.27 -10.87 20.36
C PRO A 38 43.46 -11.67 21.37
N ARG A 39 43.54 -12.99 21.28
CA ARG A 39 42.68 -13.78 22.15
C ARG A 39 43.13 -13.71 23.61
N ASN A 40 44.38 -13.32 23.87
CA ASN A 40 44.82 -13.14 25.25
C ASN A 40 44.19 -11.93 25.91
N ARG A 41 43.52 -11.08 25.15
CA ARG A 41 42.83 -9.91 25.68
C ARG A 41 41.36 -10.19 25.99
N LEU A 42 40.91 -11.44 25.87
CA LEU A 42 39.57 -11.85 26.26
C LEU A 42 39.61 -12.59 27.58
N SER A 43 38.65 -12.28 28.45
CA SER A 43 38.47 -12.99 29.71
CA SER A 43 38.47 -12.99 29.71
C SER A 43 37.04 -13.54 29.71
N PHE A 44 36.91 -14.86 29.61
CA PHE A 44 35.60 -15.47 29.50
C PHE A 44 34.86 -15.42 30.84
N GLY A 45 33.56 -15.13 30.75
CA GLY A 45 32.68 -15.17 31.90
C GLY A 45 31.65 -16.28 31.78
N LYS A 46 30.40 -15.99 32.13
CA LYS A 46 29.40 -17.03 32.17
C LYS A 46 28.90 -17.39 30.77
N THR A 47 28.36 -18.61 30.67
CA THR A 47 27.81 -19.09 29.42
C THR A 47 26.43 -18.50 29.20
N LEU A 48 26.22 -17.97 27.99
CA LEU A 48 24.95 -17.38 27.57
C LEU A 48 24.07 -18.35 26.82
N GLY A 49 24.67 -19.24 26.04
CA GLY A 49 23.93 -20.27 25.32
C GLY A 49 24.85 -21.43 25.04
N ALA A 50 24.27 -22.63 24.96
CA ALA A 50 25.09 -23.81 24.77
C ALA A 50 24.29 -24.84 23.99
N GLY A 51 25.00 -25.63 23.21
CA GLY A 51 24.36 -26.64 22.41
C GLY A 51 25.31 -27.75 22.04
N ALA A 52 24.91 -28.51 21.01
CA ALA A 52 25.69 -29.67 20.60
C ALA A 52 27.05 -29.26 20.04
N PHE A 53 27.11 -28.13 19.34
CA PHE A 53 28.31 -27.77 18.59
C PHE A 53 29.24 -26.82 19.34
N GLY A 54 28.75 -26.08 20.32
CA GLY A 54 29.58 -25.07 20.95
C GLY A 54 28.81 -24.27 21.97
N LYS A 55 29.33 -23.08 22.27
CA LYS A 55 28.66 -22.20 23.20
C LYS A 55 28.95 -20.76 22.86
N VAL A 56 28.14 -19.88 23.44
CA VAL A 56 28.36 -18.43 23.43
C VAL A 56 28.55 -18.00 24.87
N VAL A 57 29.64 -17.25 25.12
CA VAL A 57 29.94 -16.84 26.49
C VAL A 57 30.02 -15.32 26.55
N GLU A 58 29.68 -14.80 27.73
CA GLU A 58 29.98 -13.41 28.05
C GLU A 58 31.47 -13.29 28.28
N ALA A 59 32.06 -12.18 27.86
CA ALA A 59 33.48 -11.99 28.10
C ALA A 59 33.79 -10.51 28.25
N THR A 60 34.92 -10.24 28.87
CA THR A 60 35.51 -8.91 28.90
C THR A 60 36.60 -8.85 27.85
N ALA A 61 36.56 -7.83 27.01
CA ALA A 61 37.54 -7.61 25.96
C ALA A 61 38.35 -6.37 26.33
N GLN A 62 39.64 -6.58 26.62
CA GLN A 62 40.49 -5.50 27.10
C GLN A 62 41.08 -4.76 25.90
N GLY A 63 40.70 -3.50 25.74
CA GLY A 63 41.26 -2.68 24.69
C GLY A 63 40.66 -2.90 23.30
N LEU A 64 39.42 -3.38 23.22
CA LEU A 64 38.85 -3.78 21.93
C LEU A 64 38.49 -2.57 21.07
N ILE A 65 37.80 -1.58 21.63
CA ILE A 65 37.46 -0.37 20.88
C ILE A 65 38.36 0.80 21.27
N LYS A 66 38.49 1.03 22.57
CA LYS A 66 39.42 2.01 23.11
C LYS A 66 40.58 1.27 23.75
N SER A 67 41.80 1.77 23.50
CA SER A 67 43.02 1.06 23.91
C SER A 67 43.04 0.76 25.41
N ASP A 68 42.48 1.65 26.22
CA ASP A 68 42.68 1.60 27.67
C ASP A 68 41.44 1.17 28.42
N ALA A 69 40.40 0.74 27.71
CA ALA A 69 39.12 0.42 28.33
C ALA A 69 38.75 -1.02 28.04
N ALA A 70 38.04 -1.62 29.00
CA ALA A 70 37.49 -2.95 28.82
C ALA A 70 36.00 -2.82 28.51
N MET A 71 35.50 -3.70 27.66
CA MET A 71 34.08 -3.72 27.38
C MET A 71 33.58 -5.15 27.40
N THR A 72 32.31 -5.29 27.73
CA THR A 72 31.67 -6.60 27.73
C THR A 72 31.22 -6.94 26.32
N VAL A 73 31.50 -8.18 25.91
CA VAL A 73 31.17 -8.69 24.58
C VAL A 73 30.57 -10.08 24.75
N ALA A 74 30.05 -10.62 23.65
CA ALA A 74 29.71 -12.04 23.57
C ALA A 74 30.70 -12.72 22.63
N VAL A 75 31.05 -13.96 22.95
CA VAL A 75 32.04 -14.70 22.17
C VAL A 75 31.46 -16.06 21.82
N LYS A 76 31.42 -16.37 20.53
CA LYS A 76 30.90 -17.63 19.99
C LYS A 76 32.08 -18.55 19.67
N MET A 77 31.99 -19.81 20.08
CA MET A 77 33.10 -20.75 19.94
C MET A 77 32.57 -22.17 19.81
N LEU A 78 33.31 -22.99 19.08
CA LEU A 78 32.96 -24.40 18.93
C LEU A 78 33.61 -25.27 19.99
N LYS A 79 33.05 -26.45 20.17
CA LYS A 79 33.71 -27.45 21.00
C LYS A 79 34.94 -27.97 20.27
N PRO A 80 35.99 -28.37 21.01
CA PRO A 80 37.18 -28.94 20.35
C PRO A 80 36.89 -30.12 19.44
N SER A 81 35.86 -30.92 19.74
CA SER A 81 35.52 -32.07 18.93
C SER A 81 34.71 -31.73 17.69
N ALA A 82 34.48 -30.44 17.43
CA ALA A 82 33.61 -30.06 16.32
C ALA A 82 34.17 -30.56 15.00
N HIS A 83 33.29 -31.14 14.18
CA HIS A 83 33.68 -31.58 12.86
C HIS A 83 33.96 -30.38 11.96
N SER A 84 34.59 -30.64 10.82
CA SER A 84 34.91 -29.57 9.88
C SER A 84 33.65 -28.93 9.30
N THR A 85 32.53 -29.64 9.28
CA THR A 85 31.28 -29.01 8.88
C THR A 85 30.96 -27.82 9.79
N GLU A 86 31.21 -27.96 11.09
CA GLU A 86 30.88 -26.88 12.02
C GLU A 86 31.95 -25.79 12.02
N ARG A 87 33.22 -26.15 11.80
CA ARG A 87 34.28 -25.15 11.77
C ARG A 87 34.09 -24.18 10.61
N GLU A 88 33.83 -24.72 9.41
CA GLU A 88 33.63 -23.87 8.25
C GLU A 88 32.35 -23.08 8.37
N ALA A 89 31.32 -23.65 8.98
CA ALA A 89 30.08 -22.92 9.20
C ALA A 89 30.29 -21.70 10.08
N LEU A 90 31.18 -21.81 11.07
CA LEU A 90 31.48 -20.67 11.93
C LEU A 90 32.24 -19.60 11.15
N MET A 91 33.25 -20.00 10.38
CA MET A 91 33.95 -19.04 9.54
CA MET A 91 33.95 -19.04 9.54
C MET A 91 33.01 -18.41 8.51
N SER A 92 32.11 -19.21 7.95
CA SER A 92 31.15 -18.66 6.99
CA SER A 92 31.14 -18.68 6.99
C SER A 92 30.24 -17.64 7.64
N GLU A 93 29.80 -17.90 8.89
CA GLU A 93 28.99 -16.93 9.61
C GLU A 93 29.77 -15.65 9.85
N LEU A 94 31.03 -15.77 10.26
CA LEU A 94 31.89 -14.60 10.38
C LEU A 94 31.97 -13.84 9.06
N LYS A 95 32.11 -14.54 7.94
CA LYS A 95 32.19 -13.85 6.65
C LYS A 95 30.86 -13.22 6.24
N VAL A 96 29.73 -13.85 6.56
CA VAL A 96 28.44 -13.22 6.27
C VAL A 96 28.27 -11.96 7.08
N LEU A 97 28.62 -12.01 8.38
CA LEU A 97 28.50 -10.82 9.23
C LEU A 97 29.43 -9.72 8.74
N SER A 98 30.62 -10.09 8.29
CA SER A 98 31.56 -9.11 7.74
CA SER A 98 31.57 -9.11 7.74
C SER A 98 30.98 -8.42 6.51
N TYR A 99 30.34 -9.20 5.63
CA TYR A 99 29.73 -8.67 4.42
C TYR A 99 28.52 -7.80 4.73
N LEU A 100 27.70 -8.20 5.71
CA LEU A 100 26.44 -7.48 5.94
C LEU A 100 26.68 -6.06 6.38
N GLY A 101 27.70 -5.84 7.21
CA GLY A 101 27.93 -4.54 7.78
C GLY A 101 27.05 -4.29 8.98
N ASN A 102 27.21 -3.10 9.53
CA ASN A 102 26.65 -2.75 10.82
C ASN A 102 25.20 -2.30 10.68
N HIS A 103 24.36 -2.71 11.63
CA HIS A 103 23.01 -2.18 11.71
C HIS A 103 22.57 -2.15 13.17
N GLU A 104 21.84 -1.10 13.54
CA GLU A 104 21.39 -0.94 14.91
C GLU A 104 20.56 -2.12 15.40
N ASN A 105 19.84 -2.81 14.53
CA ASN A 105 18.91 -3.83 14.98
C ASN A 105 19.40 -5.24 14.73
N ILE A 106 20.71 -5.43 14.60
CA ILE A 106 21.30 -6.76 14.66
C ILE A 106 22.39 -6.75 15.71
N VAL A 107 22.71 -7.95 16.19
CA VAL A 107 23.86 -8.14 17.07
C VAL A 107 25.11 -8.07 16.21
N ASN A 108 25.87 -6.99 16.34
CA ASN A 108 26.93 -6.73 15.37
C ASN A 108 28.22 -7.46 15.67
N LEU A 109 28.92 -7.82 14.60
CA LEU A 109 30.29 -8.29 14.69
C LEU A 109 31.23 -7.20 15.19
N LEU A 110 32.06 -7.55 16.19
CA LEU A 110 33.08 -6.64 16.69
C LEU A 110 34.51 -7.10 16.43
N GLY A 111 34.73 -8.39 16.23
CA GLY A 111 36.09 -8.89 16.10
C GLY A 111 36.08 -10.39 16.01
N ALA A 112 37.26 -10.95 15.83
CA ALA A 112 37.43 -12.38 15.73
C ALA A 112 38.84 -12.74 16.13
N CYS A 113 39.00 -13.98 16.60
CA CYS A 113 40.34 -14.54 16.86
C CYS A 113 40.49 -15.75 15.96
N THR A 114 41.37 -15.65 14.96
CA THR A 114 41.50 -16.69 13.94
C THR A 114 42.90 -17.27 13.82
N HIS A 115 43.92 -16.60 14.36
CA HIS A 115 45.29 -17.07 14.26
C HIS A 115 45.48 -18.31 15.13
N GLY A 116 45.93 -19.40 14.51
CA GLY A 116 46.28 -20.61 15.24
C GLY A 116 45.14 -21.34 15.91
N GLY A 117 44.72 -20.85 17.09
CA GLY A 117 43.81 -21.53 18.00
C GLY A 117 42.40 -21.61 17.47
N PRO A 118 41.43 -21.93 18.33
CA PRO A 118 40.05 -22.05 17.84
C PRO A 118 39.52 -20.70 17.41
N THR A 119 38.72 -20.73 16.36
CA THR A 119 38.09 -19.49 15.92
C THR A 119 37.11 -19.01 16.98
N LEU A 120 37.23 -17.74 17.34
CA LEU A 120 36.32 -17.06 18.23
C LEU A 120 35.67 -15.92 17.46
N VAL A 121 34.34 -15.83 17.53
CA VAL A 121 33.63 -14.72 16.90
C VAL A 121 33.10 -13.81 18.01
N ILE A 122 33.52 -12.55 17.98
CA ILE A 122 33.20 -11.58 19.03
C ILE A 122 32.08 -10.67 18.54
N THR A 123 30.98 -10.63 19.28
CA THR A 123 29.84 -9.78 18.92
C THR A 123 29.45 -8.89 20.09
N GLU A 124 28.53 -7.97 19.80
CA GLU A 124 27.94 -7.15 20.83
C GLU A 124 27.25 -8.01 21.88
N TYR A 125 27.29 -7.54 23.14
CA TYR A 125 26.58 -8.17 24.25
C TYR A 125 25.31 -7.39 24.53
N CYS A 126 24.18 -8.10 24.66
CA CYS A 126 22.88 -7.47 24.92
C CYS A 126 22.49 -7.76 26.36
N CYS A 127 22.48 -6.72 27.19
CA CYS A 127 22.48 -6.91 28.64
C CYS A 127 21.17 -7.46 29.19
N TYR A 128 20.05 -7.33 28.48
CA TYR A 128 18.78 -7.82 28.98
C TYR A 128 18.41 -9.20 28.45
N GLY A 129 19.26 -9.82 27.64
CA GLY A 129 18.97 -11.18 27.21
C GLY A 129 17.89 -11.24 26.15
N ASP A 130 17.33 -12.43 25.98
CA ASP A 130 16.41 -12.64 24.86
C ASP A 130 15.01 -12.14 25.20
N LEU A 131 14.30 -11.74 24.14
CA LEU A 131 13.00 -11.09 24.29
C LEU A 131 11.94 -12.05 24.81
N LEU A 132 12.02 -13.33 24.46
CA LEU A 132 11.03 -14.28 24.94
C LEU A 132 11.04 -14.36 26.47
N ASN A 133 12.21 -14.51 27.06
CA ASN A 133 12.30 -14.54 28.51
C ASN A 133 11.94 -13.19 29.12
N PHE A 134 12.33 -12.11 28.46
CA PHE A 134 11.97 -10.77 28.92
C PHE A 134 10.46 -10.60 29.00
N LEU A 135 9.75 -10.97 27.92
CA LEU A 135 8.30 -10.83 27.90
C LEU A 135 7.65 -11.66 28.99
N ARG A 136 8.17 -12.87 29.23
CA ARG A 136 7.58 -13.73 30.24
C ARG A 136 7.79 -13.17 31.64
N ARG A 137 8.96 -12.56 31.89
CA ARG A 137 9.21 -11.95 33.19
C ARG A 137 8.29 -10.76 33.43
N LYS A 138 8.03 -9.97 32.39
CA LYS A 138 7.24 -8.76 32.52
C LYS A 138 5.75 -8.99 32.33
N ARG A 139 5.35 -10.22 32.02
CA ARG A 139 3.96 -10.49 31.63
C ARG A 139 2.98 -10.04 32.72
N ASP A 140 3.28 -10.35 33.98
CA ASP A 140 2.29 -10.16 35.04
C ASP A 140 2.07 -8.69 35.38
N GLU A 141 3.01 -7.81 35.04
CA GLU A 141 2.85 -6.38 35.29
C GLU A 141 2.64 -5.59 34.01
N PHE A 142 2.33 -6.26 32.90
CA PHE A 142 2.11 -5.56 31.64
C PHE A 142 0.92 -4.62 31.74
N VAL A 143 1.04 -3.47 31.09
CA VAL A 143 0.03 -2.42 31.10
C VAL A 143 -0.49 -2.25 29.67
N PRO A 144 -1.74 -2.64 29.39
CA PRO A 144 -2.29 -2.61 28.03
C PRO A 144 -2.69 -1.21 27.58
N LYS A 154 7.67 4.13 37.09
CA LYS A 154 7.72 2.68 37.10
C LYS A 154 8.32 2.13 35.81
N ASP A 155 8.62 0.84 35.82
CA ASP A 155 9.20 0.18 34.65
C ASP A 155 8.28 -0.92 34.15
N PHE A 156 7.08 -0.53 33.70
CA PHE A 156 6.09 -1.47 33.20
C PHE A 156 6.18 -1.60 31.69
N LEU A 157 6.17 -2.84 31.21
CA LEU A 157 6.00 -3.07 29.77
C LEU A 157 4.63 -2.54 29.33
N THR A 158 4.60 -1.88 28.18
CA THR A 158 3.38 -1.29 27.66
C THR A 158 3.19 -1.68 26.20
N LEU A 159 2.01 -1.36 25.67
CA LEU A 159 1.77 -1.57 24.25
C LEU A 159 2.78 -0.80 23.40
N GLU A 160 3.14 0.41 23.84
CA GLU A 160 4.11 1.20 23.09
C GLU A 160 5.44 0.47 22.94
N HIS A 161 5.87 -0.25 23.98
CA HIS A 161 7.07 -1.07 23.86
C HIS A 161 6.91 -2.14 22.79
N LEU A 162 5.76 -2.81 22.77
CA LEU A 162 5.55 -3.90 21.81
C LEU A 162 5.54 -3.40 20.38
N LEU A 163 4.88 -2.27 20.13
CA LEU A 163 4.91 -1.67 18.80
C LEU A 163 6.34 -1.32 18.40
N SER A 164 7.11 -0.73 19.32
CA SER A 164 8.51 -0.41 19.03
C SER A 164 9.32 -1.66 18.70
N PHE A 165 9.17 -2.72 19.50
CA PHE A 165 9.89 -3.96 19.21
C PHE A 165 9.50 -4.52 17.85
N SER A 166 8.21 -4.47 17.50
CA SER A 166 7.78 -4.97 16.19
C SER A 166 8.44 -4.17 15.07
N TYR A 167 8.50 -2.86 15.23
CA TYR A 167 9.12 -1.98 14.24
C TYR A 167 10.61 -2.28 14.09
N GLN A 168 11.31 -2.39 15.22
CA GLN A 168 12.75 -2.58 15.17
C GLN A 168 13.12 -3.91 14.52
N VAL A 169 12.39 -4.97 14.84
CA VAL A 169 12.72 -6.26 14.24
C VAL A 169 12.44 -6.23 12.74
N ALA A 170 11.33 -5.58 12.34
CA ALA A 170 11.07 -5.43 10.92
C ALA A 170 12.18 -4.65 10.23
N LYS A 171 12.72 -3.61 10.90
CA LYS A 171 13.80 -2.83 10.30
C LYS A 171 15.06 -3.67 10.14
N GLY A 172 15.40 -4.45 11.15
CA GLY A 172 16.56 -5.31 11.04
C GLY A 172 16.41 -6.33 9.94
N MET A 173 15.23 -6.94 9.84
CA MET A 173 14.97 -7.93 8.79
C MET A 173 14.93 -7.29 7.41
N ALA A 174 14.36 -6.08 7.30
CA ALA A 174 14.44 -5.36 6.03
C ALA A 174 15.89 -5.13 5.63
N PHE A 175 16.73 -4.83 6.60
CA PHE A 175 18.15 -4.67 6.33
C PHE A 175 18.75 -5.97 5.79
N LEU A 176 18.48 -7.09 6.46
CA LEU A 176 19.01 -8.36 5.98
C LEU A 176 18.55 -8.64 4.56
N ALA A 177 17.25 -8.47 4.30
CA ALA A 177 16.74 -8.72 2.97
C ALA A 177 17.35 -7.79 1.94
N SER A 178 17.66 -6.55 2.32
CA SER A 178 18.27 -5.61 1.39
C SER A 178 19.68 -6.05 0.99
N LYS A 179 20.31 -6.89 1.81
CA LYS A 179 21.61 -7.48 1.51
C LYS A 179 21.46 -8.89 0.94
N ASN A 180 20.25 -9.25 0.50
CA ASN A 180 19.93 -10.55 -0.11
C ASN A 180 20.19 -11.71 0.83
N CYS A 181 19.95 -11.49 2.12
CA CYS A 181 20.22 -12.45 3.18
CA CYS A 181 20.20 -12.51 3.13
C CYS A 181 18.91 -12.93 3.80
N ILE A 182 18.87 -14.20 4.18
CA ILE A 182 17.79 -14.77 4.96
C ILE A 182 18.38 -15.29 6.26
N HIS A 183 17.57 -15.27 7.31
CA HIS A 183 18.03 -15.64 8.64
C HIS A 183 17.74 -17.08 8.98
N ARG A 184 16.52 -17.55 8.68
CA ARG A 184 16.05 -18.92 8.81
C ARG A 184 15.71 -19.38 10.22
N ASP A 185 15.89 -18.56 11.27
CA ASP A 185 15.42 -18.94 12.59
C ASP A 185 14.94 -17.71 13.35
N LEU A 186 14.08 -16.91 12.71
CA LEU A 186 13.53 -15.73 13.36
C LEU A 186 12.44 -16.17 14.34
N ALA A 187 12.53 -15.68 15.58
CA ALA A 187 11.70 -16.12 16.70
C ALA A 187 12.06 -15.19 17.86
N ALA A 188 11.16 -15.06 18.84
CA ALA A 188 11.44 -14.12 19.92
C ALA A 188 12.67 -14.54 20.72
N ARG A 189 12.95 -15.85 20.77
CA ARG A 189 14.15 -16.33 21.45
C ARG A 189 15.43 -15.86 20.78
N ASN A 190 15.36 -15.43 19.51
CA ASN A 190 16.54 -14.94 18.78
C ASN A 190 16.48 -13.43 18.55
N ILE A 191 15.71 -12.72 19.36
CA ILE A 191 15.77 -11.26 19.45
C ILE A 191 16.28 -10.93 20.84
N LEU A 192 17.34 -10.13 20.93
CA LEU A 192 17.87 -9.75 22.22
C LEU A 192 17.56 -8.29 22.49
N LEU A 193 17.62 -7.91 23.76
CA LEU A 193 17.29 -6.56 24.20
C LEU A 193 18.51 -5.94 24.86
N THR A 194 18.83 -4.70 24.49
CA THR A 194 19.95 -4.02 25.13
C THR A 194 19.49 -2.66 25.64
N HIS A 195 20.45 -1.81 26.03
CA HIS A 195 20.11 -0.51 26.60
C HIS A 195 19.27 0.32 25.63
N GLY A 196 18.37 1.12 26.19
CA GLY A 196 17.58 2.02 25.39
C GLY A 196 16.41 1.39 24.68
N ASN A 197 15.94 0.24 25.16
CA ASN A 197 14.84 -0.50 24.54
C ASN A 197 15.15 -0.85 23.09
N ILE A 198 16.42 -1.10 22.79
CA ILE A 198 16.84 -1.48 21.45
C ILE A 198 16.86 -3.01 21.36
N THR A 199 16.15 -3.55 20.36
CA THR A 199 16.14 -4.98 20.07
C THR A 199 17.09 -5.30 18.92
N LYS A 200 17.76 -6.45 19.02
CA LYS A 200 18.75 -6.86 18.04
C LYS A 200 18.54 -8.32 17.67
N ILE A 201 18.47 -8.60 16.37
CA ILE A 201 18.39 -9.97 15.88
C ILE A 201 19.73 -10.65 16.09
N CYS A 202 19.70 -11.87 16.63
CA CYS A 202 20.94 -12.60 16.92
C CYS A 202 20.91 -13.97 16.26
N ASP A 203 22.05 -14.65 16.36
CA ASP A 203 22.28 -16.03 15.89
C ASP A 203 22.16 -16.14 14.38
N PHE A 204 23.28 -15.90 13.69
CA PHE A 204 23.36 -15.94 12.25
C PHE A 204 23.98 -17.24 11.75
N GLY A 205 23.93 -18.30 12.57
CA GLY A 205 24.51 -19.56 12.17
C GLY A 205 23.88 -20.17 10.93
N LEU A 206 22.59 -19.91 10.70
CA LEU A 206 21.92 -20.45 9.52
C LEU A 206 21.68 -19.39 8.46
N ALA A 207 22.16 -18.17 8.68
CA ALA A 207 21.90 -17.08 7.74
C ALA A 207 22.63 -17.36 6.43
N ARG A 208 21.98 -17.03 5.31
CA ARG A 208 22.52 -17.33 3.99
C ARG A 208 22.30 -16.15 3.06
N ASP A 209 23.30 -15.86 2.23
CA ASP A 209 23.12 -15.00 1.07
C ASP A 209 22.49 -15.84 -0.03
N ILE A 210 21.34 -15.40 -0.54
CA ILE A 210 20.62 -16.18 -1.56
C ILE A 210 20.52 -15.39 -2.86
N LYS A 211 21.56 -14.59 -3.16
CA LYS A 211 21.48 -13.73 -4.34
C LYS A 211 21.35 -14.54 -5.63
N ASN A 212 22.00 -15.70 -5.69
CA ASN A 212 22.08 -16.43 -6.95
C ASN A 212 20.76 -17.09 -7.33
N ASP A 213 20.11 -17.77 -6.39
CA ASP A 213 18.98 -18.62 -6.71
C ASP A 213 17.65 -18.17 -6.12
N SER A 214 17.64 -17.10 -5.32
CA SER A 214 16.43 -16.54 -4.72
C SER A 214 15.75 -17.50 -3.75
N ASN A 215 16.37 -18.64 -3.47
CA ASN A 215 15.93 -19.50 -2.38
C ASN A 215 17.14 -20.30 -1.89
N TYR A 216 16.89 -21.11 -0.87
CA TYR A 216 17.89 -22.00 -0.31
C TYR A 216 17.15 -23.29 0.05
N VAL A 217 17.69 -24.42 -0.40
CA VAL A 217 17.12 -25.73 -0.07
C VAL A 217 18.01 -26.35 0.99
N ASP A 218 17.45 -26.54 2.18
CA ASP A 218 18.22 -27.09 3.31
C ASP A 218 18.36 -28.60 3.11
N LYS A 219 19.59 -29.07 3.01
CA LYS A 219 19.87 -30.49 2.86
C LYS A 219 20.27 -31.16 4.16
N GLY A 220 20.38 -30.40 5.25
CA GLY A 220 20.85 -30.92 6.51
C GLY A 220 19.82 -31.72 7.26
N ASN A 221 20.21 -32.15 8.46
CA ASN A 221 19.39 -33.01 9.30
C ASN A 221 19.55 -32.63 10.76
N ALA A 222 19.22 -31.40 11.09
CA ALA A 222 19.17 -30.94 12.47
C ALA A 222 17.72 -30.80 12.91
N ARG A 223 17.51 -30.64 14.21
CA ARG A 223 16.18 -30.32 14.70
C ARG A 223 15.79 -28.93 14.22
N LEU A 224 14.51 -28.79 13.87
CA LEU A 224 14.01 -27.60 13.21
C LEU A 224 12.90 -26.94 14.02
N PRO A 225 12.77 -25.62 13.92
CA PRO A 225 11.76 -24.90 14.72
C PRO A 225 10.40 -24.91 14.03
N VAL A 226 9.75 -26.09 14.08
CA VAL A 226 8.61 -26.38 13.21
C VAL A 226 7.52 -25.33 13.35
N LYS A 227 7.19 -24.92 14.58
CA LYS A 227 6.06 -24.01 14.74
C LYS A 227 6.34 -22.60 14.22
N TRP A 228 7.59 -22.28 13.87
CA TRP A 228 7.94 -21.00 13.28
C TRP A 228 8.11 -21.07 11.77
N MET A 229 8.01 -22.27 11.17
CA MET A 229 8.37 -22.47 9.77
C MET A 229 7.18 -22.30 8.82
N ALA A 230 7.48 -21.70 7.67
CA ALA A 230 6.51 -21.65 6.58
C ALA A 230 6.22 -23.07 6.08
N PRO A 231 5.01 -23.32 5.60
CA PRO A 231 4.68 -24.67 5.11
C PRO A 231 5.62 -25.16 4.03
N GLU A 232 6.05 -24.29 3.11
CA GLU A 232 6.93 -24.76 2.05
C GLU A 232 8.31 -25.12 2.59
N SER A 233 8.71 -24.56 3.73
CA SER A 233 9.96 -24.99 4.36
C SER A 233 9.81 -26.36 5.02
N ILE A 234 8.68 -26.60 5.69
CA ILE A 234 8.44 -27.92 6.26
C ILE A 234 8.36 -28.97 5.18
N PHE A 235 7.51 -28.73 4.17
CA PHE A 235 7.16 -29.78 3.23
C PHE A 235 8.21 -29.96 2.14
N ASN A 236 8.93 -28.89 1.77
CA ASN A 236 9.87 -28.95 0.66
C ASN A 236 11.25 -28.43 1.00
N SER A 237 11.51 -28.06 2.24
CA SER A 237 12.84 -27.65 2.71
C SER A 237 13.33 -26.40 1.99
N VAL A 238 12.42 -25.53 1.54
CA VAL A 238 12.76 -24.34 0.77
CA VAL A 238 12.79 -24.35 0.79
C VAL A 238 12.67 -23.13 1.68
N TYR A 239 13.72 -22.30 1.67
CA TYR A 239 13.79 -21.09 2.48
C TYR A 239 14.03 -19.90 1.57
N THR A 240 13.31 -18.81 1.83
CA THR A 240 13.27 -17.65 0.96
C THR A 240 13.09 -16.38 1.81
N PHE A 241 13.15 -15.22 1.14
CA PHE A 241 12.72 -13.99 1.81
C PHE A 241 11.33 -14.17 2.41
N GLU A 242 10.46 -14.87 1.69
CA GLU A 242 9.07 -15.03 2.08
C GLU A 242 8.89 -15.97 3.26
N SER A 243 9.76 -16.96 3.44
CA SER A 243 9.65 -17.80 4.63
C SER A 243 10.16 -17.08 5.87
N ASP A 244 11.14 -16.17 5.73
CA ASP A 244 11.49 -15.32 6.86
C ASP A 244 10.30 -14.46 7.27
N VAL A 245 9.51 -14.00 6.30
CA VAL A 245 8.34 -13.18 6.63
C VAL A 245 7.29 -13.99 7.37
N TRP A 246 7.08 -15.26 6.99
CA TRP A 246 6.19 -16.14 7.77
C TRP A 246 6.63 -16.18 9.23
N SER A 247 7.93 -16.42 9.47
CA SER A 247 8.42 -16.52 10.84
C SER A 247 8.26 -15.20 11.58
N TYR A 248 8.43 -14.07 10.88
CA TYR A 248 8.16 -12.78 11.53
C TYR A 248 6.73 -12.71 12.02
N GLY A 249 5.78 -13.24 11.25
CA GLY A 249 4.39 -13.26 11.72
C GLY A 249 4.21 -14.07 12.99
N ILE A 250 4.90 -15.21 13.08
CA ILE A 250 4.87 -15.98 14.33
C ILE A 250 5.51 -15.19 15.46
N PHE A 251 6.65 -14.52 15.18
CA PHE A 251 7.24 -13.66 16.18
C PHE A 251 6.26 -12.60 16.69
N LEU A 252 5.50 -11.99 15.78
CA LEU A 252 4.53 -10.99 16.20
C LEU A 252 3.49 -11.59 17.13
N TRP A 253 3.06 -12.81 16.85
CA TRP A 253 2.10 -13.45 17.75
C TRP A 253 2.72 -13.70 19.11
N GLU A 254 3.98 -14.17 19.16
CA GLU A 254 4.66 -14.31 20.45
C GLU A 254 4.74 -12.97 21.18
N LEU A 255 5.08 -11.92 20.45
CA LEU A 255 5.28 -10.61 21.05
C LEU A 255 3.99 -10.10 21.69
N PHE A 256 2.89 -10.10 20.94
CA PHE A 256 1.68 -9.51 21.47
C PHE A 256 0.94 -10.46 22.41
N SER A 257 1.34 -11.73 22.46
CA SER A 257 0.86 -12.64 23.49
CA SER A 257 0.87 -12.67 23.49
C SER A 257 1.75 -12.64 24.73
N LEU A 258 2.69 -11.69 24.81
CA LEU A 258 3.58 -11.57 25.96
C LEU A 258 4.34 -12.88 26.22
N GLY A 259 4.78 -13.52 25.16
CA GLY A 259 5.70 -14.63 25.29
C GLY A 259 5.07 -16.01 25.31
N SER A 260 3.79 -16.14 24.99
CA SER A 260 3.17 -17.45 24.93
CA SER A 260 3.18 -17.46 24.93
C SER A 260 3.79 -18.29 23.80
N SER A 261 3.79 -19.61 24.00
CA SER A 261 4.24 -20.52 22.95
C SER A 261 3.20 -20.59 21.85
N PRO A 262 3.62 -20.65 20.58
CA PRO A 262 2.65 -20.66 19.48
C PRO A 262 1.89 -21.98 19.41
N TYR A 263 0.72 -21.91 18.76
CA TYR A 263 -0.21 -23.02 18.63
C TYR A 263 -0.40 -23.75 19.95
N PRO A 264 -0.94 -23.08 20.96
CA PRO A 264 -1.14 -23.74 22.26
C PRO A 264 -2.05 -24.96 22.15
N GLY A 265 -1.69 -26.01 22.86
CA GLY A 265 -2.46 -27.24 22.85
C GLY A 265 -2.32 -28.07 21.60
N MET A 266 -1.38 -27.75 20.71
CA MET A 266 -1.22 -28.48 19.46
C MET A 266 0.21 -29.00 19.37
N PRO A 267 0.46 -30.26 19.70
CA PRO A 267 1.81 -30.80 19.55
C PRO A 267 2.18 -30.90 18.08
N VAL A 268 3.48 -31.01 17.83
CA VAL A 268 3.94 -31.20 16.46
C VAL A 268 3.79 -32.66 16.12
N ASP A 269 2.83 -32.98 15.24
CA ASP A 269 2.48 -34.34 14.86
C ASP A 269 1.72 -34.27 13.54
N SER A 270 1.17 -35.41 13.11
CA SER A 270 0.49 -35.45 11.81
C SER A 270 -0.64 -34.45 11.73
N LYS A 271 -1.42 -34.32 12.81
CA LYS A 271 -2.54 -33.39 12.79
C LYS A 271 -2.07 -31.94 12.64
N PHE A 272 -0.97 -31.57 13.30
CA PHE A 272 -0.44 -30.22 13.14
C PHE A 272 -0.17 -29.91 11.68
N TYR A 273 0.57 -30.79 10.98
CA TYR A 273 0.93 -30.51 9.59
C TYR A 273 -0.31 -30.44 8.71
N LYS A 274 -1.27 -31.34 8.93
CA LYS A 274 -2.49 -31.34 8.16
C LYS A 274 -3.25 -30.04 8.36
N MET A 275 -3.38 -29.60 9.61
CA MET A 275 -4.10 -28.36 9.88
C MET A 275 -3.42 -27.15 9.24
N ILE A 276 -2.10 -27.04 9.37
CA ILE A 276 -1.41 -25.92 8.73
C ILE A 276 -1.62 -25.94 7.22
N LYS A 277 -1.51 -27.13 6.61
CA LYS A 277 -1.65 -27.23 5.17
C LYS A 277 -3.03 -26.84 4.73
N GLU A 278 -4.05 -27.17 5.53
CA GLU A 278 -5.43 -26.89 5.20
C GLU A 278 -5.83 -25.45 5.51
N GLY A 279 -4.96 -24.69 6.18
CA GLY A 279 -5.19 -23.27 6.40
C GLY A 279 -5.45 -22.83 7.83
N PHE A 280 -5.30 -23.70 8.81
CA PHE A 280 -5.47 -23.28 10.18
C PHE A 280 -4.44 -22.21 10.52
N ARG A 281 -4.88 -21.15 11.21
CA ARG A 281 -4.00 -20.10 11.68
C ARG A 281 -4.39 -19.70 13.10
N MET A 282 -3.41 -19.22 13.84
CA MET A 282 -3.68 -18.72 15.18
C MET A 282 -4.58 -17.50 15.12
N SER A 283 -5.39 -17.35 16.17
CA SER A 283 -6.23 -16.16 16.30
CA SER A 283 -6.23 -16.17 16.33
C SER A 283 -5.42 -15.00 16.87
N SER A 284 -6.06 -13.84 16.94
CA SER A 284 -5.37 -12.64 17.39
C SER A 284 -5.03 -12.73 18.88
N PRO A 285 -3.80 -12.42 19.29
CA PRO A 285 -3.53 -12.25 20.73
C PRO A 285 -4.39 -11.14 21.30
N GLU A 286 -4.74 -11.30 22.59
CA GLU A 286 -5.59 -10.33 23.28
C GLU A 286 -5.10 -8.90 23.11
N TYR A 287 -3.79 -8.70 23.18
CA TYR A 287 -3.23 -7.35 23.19
C TYR A 287 -2.74 -6.88 21.84
N ALA A 288 -2.95 -7.65 20.77
CA ALA A 288 -2.53 -7.22 19.45
C ALA A 288 -3.51 -6.19 18.88
N PRO A 289 -3.04 -5.01 18.49
CA PRO A 289 -3.90 -4.11 17.72
C PRO A 289 -4.36 -4.77 16.43
N ALA A 290 -5.55 -4.39 15.97
CA ALA A 290 -6.13 -5.01 14.78
C ALA A 290 -5.18 -4.94 13.59
N GLU A 291 -4.52 -3.79 13.39
CA GLU A 291 -3.62 -3.66 12.26
C GLU A 291 -2.37 -4.51 12.38
N MET A 292 -1.97 -4.89 13.59
CA MET A 292 -0.84 -5.82 13.75
C MET A 292 -1.26 -7.26 13.51
N TYR A 293 -2.46 -7.64 13.94
CA TYR A 293 -2.97 -8.96 13.56
C TYR A 293 -3.13 -9.06 12.05
N ASP A 294 -3.54 -7.96 11.40
CA ASP A 294 -3.64 -7.93 9.95
C ASP A 294 -2.30 -8.29 9.30
N ILE A 295 -1.20 -7.73 9.81
CA ILE A 295 0.13 -8.10 9.31
C ILE A 295 0.39 -9.58 9.51
N MET A 296 0.15 -10.10 10.72
CA MET A 296 0.31 -11.52 10.99
C MET A 296 -0.40 -12.38 9.94
N LYS A 297 -1.67 -12.08 9.68
CA LYS A 297 -2.44 -12.88 8.74
C LYS A 297 -1.81 -12.89 7.36
N THR A 298 -1.33 -11.72 6.89
CA THR A 298 -0.70 -11.69 5.57
C THR A 298 0.64 -12.41 5.58
N CYS A 299 1.38 -12.37 6.71
CA CYS A 299 2.62 -13.11 6.79
C CYS A 299 2.39 -14.62 6.66
N TRP A 300 1.20 -15.08 7.03
CA TRP A 300 0.89 -16.51 7.02
C TRP A 300 0.08 -16.91 5.80
N ASP A 301 0.11 -16.12 4.74
CA ASP A 301 -0.55 -16.54 3.52
C ASP A 301 0.10 -17.83 3.02
N ALA A 302 -0.72 -18.80 2.62
CA ALA A 302 -0.15 -20.04 2.08
C ALA A 302 0.64 -19.79 0.81
N ASP A 303 0.25 -18.77 0.04
CA ASP A 303 0.98 -18.39 -1.16
C ASP A 303 2.09 -17.43 -0.77
N PRO A 304 3.36 -17.82 -0.88
CA PRO A 304 4.46 -16.91 -0.50
C PRO A 304 4.44 -15.58 -1.25
N ASP A 305 3.91 -15.55 -2.47
CA ASP A 305 3.88 -14.31 -3.25
C ASP A 305 2.90 -13.29 -2.68
N LYS A 306 1.94 -13.72 -1.87
CA LYS A 306 0.97 -12.81 -1.29
C LYS A 306 1.42 -12.24 0.06
N ARG A 307 2.51 -12.76 0.61
CA ARG A 307 3.02 -12.20 1.86
C ARG A 307 3.65 -10.84 1.61
N PRO A 308 3.61 -9.96 2.60
CA PRO A 308 4.30 -8.66 2.45
C PRO A 308 5.80 -8.84 2.52
N THR A 309 6.52 -7.84 2.01
CA THR A 309 7.97 -7.78 2.21
C THR A 309 8.26 -7.07 3.53
N PHE A 310 9.47 -7.24 4.05
CA PHE A 310 9.83 -6.49 5.26
C PHE A 310 9.78 -5.00 5.01
N LYS A 311 10.18 -4.55 3.82
CA LYS A 311 10.09 -3.14 3.46
C LYS A 311 8.67 -2.63 3.62
N GLN A 312 7.69 -3.40 3.13
CA GLN A 312 6.29 -3.01 3.27
C GLN A 312 5.85 -3.04 4.74
N ILE A 313 6.29 -4.05 5.49
CA ILE A 313 5.93 -4.15 6.91
C ILE A 313 6.45 -2.94 7.68
N VAL A 314 7.70 -2.53 7.43
CA VAL A 314 8.25 -1.37 8.10
C VAL A 314 7.37 -0.14 7.85
N GLN A 315 6.99 0.08 6.59
CA GLN A 315 6.19 1.25 6.25
C GLN A 315 4.82 1.20 6.92
N ASP A 316 4.26 -0.01 7.02
CA ASP A 316 2.96 -0.19 7.66
C ASP A 316 3.04 0.16 9.15
N ILE A 317 4.03 -0.41 9.85
CA ILE A 317 4.18 -0.14 11.28
C ILE A 317 4.54 1.32 11.53
N GLU A 318 5.35 1.91 10.64
CA GLU A 318 5.63 3.34 10.73
C GLU A 318 4.35 4.16 10.75
N LYS A 319 3.43 3.86 9.84
CA LYS A 319 2.16 4.57 9.79
C LYS A 319 1.34 4.36 11.06
N GLN A 320 1.38 3.14 11.61
CA GLN A 320 0.66 2.86 12.86
C GLN A 320 1.23 3.69 14.00
N ILE A 321 2.55 3.73 14.13
CA ILE A 321 3.17 4.45 15.23
C ILE A 321 2.88 5.95 15.12
N SER A 322 2.96 6.50 13.90
CA SER A 322 2.73 7.93 13.75
CA SER A 322 2.72 7.94 13.72
C SER A 322 1.29 8.31 14.05
N GLU A 323 0.35 7.39 13.86
CA GLU A 323 -1.05 7.65 14.16
C GLU A 323 -1.42 7.32 15.60
N SER A 324 -0.48 6.78 16.38
CA SER A 324 -0.74 6.47 17.79
C SER A 324 -0.90 7.73 18.62
N ASN B 19 -32.03 -10.89 5.77
CA ASN B 19 -33.38 -10.89 5.27
C ASN B 19 -34.11 -9.60 5.61
N ASN B 20 -34.05 -9.23 6.89
CA ASN B 20 -34.81 -8.09 7.40
C ASN B 20 -34.10 -6.76 7.24
N TYR B 21 -32.79 -6.76 7.00
CA TYR B 21 -32.04 -5.54 6.73
C TYR B 21 -31.45 -5.60 5.33
N SER B 22 -31.53 -4.49 4.61
CA SER B 22 -30.96 -4.44 3.27
C SER B 22 -30.45 -3.03 2.99
N TYR B 23 -29.66 -2.93 1.92
CA TYR B 23 -29.22 -1.64 1.41
C TYR B 23 -30.28 -1.09 0.49
N ILE B 24 -30.70 0.16 0.74
CA ILE B 24 -31.73 0.80 -0.07
C ILE B 24 -31.11 1.21 -1.39
N ASP B 25 -31.63 0.66 -2.48
CA ASP B 25 -31.18 0.93 -3.86
C ASP B 25 -31.78 2.26 -4.31
N PRO B 26 -30.98 3.31 -4.51
CA PRO B 26 -31.57 4.60 -4.90
C PRO B 26 -32.36 4.54 -6.20
N THR B 27 -31.99 3.64 -7.11
CA THR B 27 -32.69 3.56 -8.38
C THR B 27 -34.04 2.86 -8.26
N GLN B 28 -34.33 2.25 -7.12
CA GLN B 28 -35.64 1.65 -6.87
C GLN B 28 -36.58 2.58 -6.16
N LEU B 29 -36.10 3.71 -5.66
CA LEU B 29 -36.96 4.62 -4.92
C LEU B 29 -37.87 5.38 -5.88
N PRO B 30 -39.03 5.82 -5.41
CA PRO B 30 -39.92 6.61 -6.27
C PRO B 30 -39.25 7.92 -6.66
N TYR B 31 -39.59 8.41 -7.85
CA TYR B 31 -39.24 9.78 -8.20
C TYR B 31 -39.95 10.75 -7.26
N ASP B 32 -39.21 11.74 -6.76
CA ASP B 32 -39.73 12.71 -5.81
C ASP B 32 -40.18 13.95 -6.59
N HIS B 33 -41.48 14.24 -6.58
CA HIS B 33 -42.01 15.35 -7.36
C HIS B 33 -41.61 16.71 -6.80
N LYS B 34 -40.84 16.78 -5.72
CA LYS B 34 -40.26 18.05 -5.32
C LYS B 34 -39.40 18.65 -6.42
N TRP B 35 -38.87 17.81 -7.31
CA TRP B 35 -38.05 18.25 -8.43
C TRP B 35 -38.86 18.72 -9.63
N GLU B 36 -40.16 18.43 -9.68
CA GLU B 36 -40.90 18.60 -10.92
C GLU B 36 -41.00 20.06 -11.33
N PHE B 37 -40.74 20.33 -12.61
CA PHE B 37 -40.77 21.66 -13.18
C PHE B 37 -41.63 21.63 -14.45
N PRO B 38 -42.43 22.66 -14.70
CA PRO B 38 -43.32 22.64 -15.88
C PRO B 38 -42.50 22.81 -17.15
N ARG B 39 -42.65 21.87 -18.08
CA ARG B 39 -41.83 21.95 -19.27
C ARG B 39 -42.23 23.11 -20.18
N ASN B 40 -43.44 23.66 -20.03
CA ASN B 40 -43.78 24.85 -20.80
C ASN B 40 -43.15 26.13 -20.25
N ARG B 41 -42.30 26.03 -19.23
CA ARG B 41 -41.50 27.14 -18.76
C ARG B 41 -40.01 26.95 -19.07
N LEU B 42 -39.66 25.96 -19.87
CA LEU B 42 -38.31 25.75 -20.36
C LEU B 42 -38.22 26.16 -21.81
N SER B 43 -37.26 27.00 -22.14
CA SER B 43 -37.03 27.41 -23.52
CA SER B 43 -37.02 27.42 -23.52
C SER B 43 -35.62 26.99 -23.92
N PHE B 44 -35.53 26.11 -24.91
CA PHE B 44 -34.25 25.52 -25.29
C PHE B 44 -33.41 26.48 -26.11
N GLY B 45 -32.10 26.48 -25.84
CA GLY B 45 -31.14 27.26 -26.59
C GLY B 45 -30.16 26.37 -27.31
N LYS B 46 -28.88 26.66 -27.17
CA LYS B 46 -27.84 25.98 -27.94
C LYS B 46 -27.62 24.56 -27.42
N THR B 47 -27.29 23.66 -28.34
CA THR B 47 -26.90 22.30 -27.98
C THR B 47 -25.48 22.31 -27.41
N LEU B 48 -25.33 21.70 -26.24
CA LEU B 48 -24.03 21.63 -25.57
C LEU B 48 -23.31 20.32 -25.81
N GLY B 49 -24.05 19.24 -26.02
CA GLY B 49 -23.47 17.94 -26.32
C GLY B 49 -24.51 17.09 -26.99
N ALA B 50 -24.05 16.17 -27.85
CA ALA B 50 -24.98 15.37 -28.62
C ALA B 50 -24.38 14.00 -28.89
N GLY B 51 -25.24 13.00 -28.96
CA GLY B 51 -24.83 11.64 -29.28
C GLY B 51 -25.89 10.95 -30.11
N ALA B 52 -25.81 9.62 -30.20
CA ALA B 52 -26.70 8.88 -31.09
C ALA B 52 -28.15 9.03 -30.67
N PHE B 53 -28.43 8.97 -29.37
CA PHE B 53 -29.81 8.94 -28.89
C PHE B 53 -30.16 10.07 -27.93
N GLY B 54 -29.25 11.01 -27.68
CA GLY B 54 -29.65 12.10 -26.80
C GLY B 54 -28.83 13.35 -27.01
N LYS B 55 -29.26 14.41 -26.33
CA LYS B 55 -28.51 15.66 -26.33
C LYS B 55 -28.68 16.37 -24.99
N VAL B 56 -27.75 17.29 -24.73
CA VAL B 56 -27.87 18.23 -23.62
C VAL B 56 -27.91 19.62 -24.24
N VAL B 57 -28.88 20.42 -23.82
CA VAL B 57 -29.01 21.78 -24.35
C VAL B 57 -28.94 22.78 -23.23
N GLU B 58 -28.51 23.99 -23.57
CA GLU B 58 -28.66 25.11 -22.67
C GLU B 58 -30.11 25.56 -22.77
N ALA B 59 -30.66 26.00 -21.64
CA ALA B 59 -32.06 26.42 -21.65
C ALA B 59 -32.28 27.49 -20.59
N THR B 60 -33.41 28.17 -20.72
CA THR B 60 -33.87 29.11 -19.71
CA THR B 60 -33.89 29.11 -19.72
C THR B 60 -35.05 28.47 -18.99
N ALA B 61 -35.00 28.50 -17.67
CA ALA B 61 -36.04 27.92 -16.82
C ALA B 61 -36.73 29.09 -16.11
N GLN B 62 -37.90 29.48 -16.60
CA GLN B 62 -38.57 30.65 -16.05
C GLN B 62 -39.20 30.30 -14.71
N GLY B 63 -38.78 31.01 -13.66
CA GLY B 63 -39.35 30.80 -12.34
C GLY B 63 -38.77 29.65 -11.55
N LEU B 64 -37.64 29.09 -11.98
CA LEU B 64 -37.09 27.92 -11.30
C LEU B 64 -36.57 28.27 -9.91
N ILE B 65 -35.66 29.24 -9.83
CA ILE B 65 -35.13 29.62 -8.51
C ILE B 65 -36.07 30.61 -7.84
N LYS B 66 -36.56 31.60 -8.59
CA LYS B 66 -37.53 32.57 -8.07
C LYS B 66 -38.52 32.90 -9.18
N SER B 67 -39.77 33.14 -8.77
CA SER B 67 -40.86 33.29 -9.72
C SER B 67 -40.64 34.45 -10.68
N ASP B 68 -39.90 35.47 -10.27
CA ASP B 68 -39.80 36.70 -11.06
C ASP B 68 -38.81 36.58 -12.22
N ALA B 69 -37.73 35.82 -12.06
CA ALA B 69 -36.62 35.87 -13.00
C ALA B 69 -36.26 34.47 -13.51
N ALA B 70 -35.52 34.47 -14.62
CA ALA B 70 -35.23 33.26 -15.38
C ALA B 70 -33.76 32.86 -15.21
N MET B 71 -33.53 31.57 -15.05
CA MET B 71 -32.21 31.02 -14.79
C MET B 71 -31.72 30.21 -15.98
N THR B 72 -30.45 30.35 -16.35
CA THR B 72 -29.88 29.51 -17.38
C THR B 72 -29.50 28.16 -16.77
N VAL B 73 -29.94 27.08 -17.42
CA VAL B 73 -29.73 25.72 -16.95
C VAL B 73 -29.27 24.86 -18.13
N ALA B 74 -28.89 23.62 -17.83
CA ALA B 74 -28.69 22.59 -18.84
C ALA B 74 -29.82 21.58 -18.74
N VAL B 75 -30.25 21.06 -19.87
CA VAL B 75 -31.34 20.08 -19.91
C VAL B 75 -30.88 18.86 -20.69
N LYS B 76 -30.95 17.69 -20.05
CA LYS B 76 -30.59 16.43 -20.68
C LYS B 76 -31.86 15.71 -21.13
N MET B 77 -31.85 15.22 -22.36
CA MET B 77 -33.02 14.61 -22.97
C MET B 77 -32.60 13.62 -24.03
N LEU B 78 -33.45 12.64 -24.27
CA LEU B 78 -33.19 11.66 -25.31
C LEU B 78 -33.81 12.10 -26.63
N LYS B 79 -33.29 11.53 -27.71
CA LYS B 79 -33.91 11.73 -29.01
C LYS B 79 -35.22 10.96 -29.08
N PRO B 80 -36.16 11.41 -29.93
CA PRO B 80 -37.44 10.70 -30.05
C PRO B 80 -37.28 9.23 -30.40
N SER B 81 -36.20 8.87 -31.07
CA SER B 81 -35.95 7.50 -31.52
C SER B 81 -35.37 6.62 -30.42
N ALA B 82 -35.19 7.15 -29.22
CA ALA B 82 -34.46 6.42 -28.17
C ALA B 82 -35.17 5.12 -27.80
N HIS B 83 -34.37 4.11 -27.50
CA HIS B 83 -34.85 2.82 -27.04
C HIS B 83 -35.33 2.92 -25.59
N SER B 84 -36.18 1.97 -25.19
CA SER B 84 -36.72 1.97 -23.84
C SER B 84 -35.63 1.84 -22.79
N THR B 85 -34.57 1.08 -23.09
CA THR B 85 -33.48 0.94 -22.12
C THR B 85 -32.81 2.28 -21.86
N GLU B 86 -32.70 3.12 -22.88
CA GLU B 86 -32.11 4.44 -22.69
C GLU B 86 -33.03 5.35 -21.90
N ARG B 87 -34.36 5.22 -22.08
CA ARG B 87 -35.28 6.00 -21.26
C ARG B 87 -35.18 5.61 -19.80
N GLU B 88 -35.11 4.30 -19.52
CA GLU B 88 -34.92 3.84 -18.15
C GLU B 88 -33.59 4.33 -17.59
N ALA B 89 -32.53 4.33 -18.40
CA ALA B 89 -31.23 4.78 -17.92
C ALA B 89 -31.27 6.26 -17.53
N LEU B 90 -32.05 7.07 -18.24
CA LEU B 90 -32.11 8.48 -17.89
C LEU B 90 -32.89 8.68 -16.59
N MET B 91 -34.00 7.96 -16.42
CA MET B 91 -34.72 8.03 -15.15
C MET B 91 -33.85 7.54 -14.00
N SER B 92 -33.06 6.49 -14.23
CA SER B 92 -32.17 6.00 -13.19
CA SER B 92 -32.17 6.00 -13.19
C SER B 92 -31.13 7.05 -12.82
N GLU B 93 -30.57 7.76 -13.82
CA GLU B 93 -29.62 8.82 -13.52
C GLU B 93 -30.28 9.91 -12.69
N LEU B 94 -31.50 10.29 -13.04
CA LEU B 94 -32.23 11.28 -12.25
C LEU B 94 -32.37 10.83 -10.80
N LYS B 95 -32.68 9.56 -10.59
CA LYS B 95 -32.84 9.05 -9.23
C LYS B 95 -31.51 8.99 -8.48
N VAL B 96 -30.40 8.68 -9.16
CA VAL B 96 -29.09 8.72 -8.51
C VAL B 96 -28.75 10.15 -8.09
N LEU B 97 -28.97 11.12 -9.00
CA LEU B 97 -28.69 12.51 -8.66
C LEU B 97 -29.58 12.97 -7.52
N SER B 98 -30.83 12.53 -7.50
CA SER B 98 -31.73 12.89 -6.41
CA SER B 98 -31.74 12.88 -6.41
C SER B 98 -31.23 12.36 -5.07
N TYR B 99 -30.65 11.15 -5.08
CA TYR B 99 -30.16 10.55 -3.85
C TYR B 99 -28.86 11.19 -3.38
N LEU B 100 -27.99 11.57 -4.32
CA LEU B 100 -26.64 12.01 -3.95
C LEU B 100 -26.66 13.27 -3.11
N GLY B 101 -27.56 14.21 -3.42
CA GLY B 101 -27.52 15.50 -2.77
C GLY B 101 -26.52 16.43 -3.43
N ASN B 102 -26.45 17.64 -2.87
CA ASN B 102 -25.76 18.76 -3.49
C ASN B 102 -24.30 18.82 -3.08
N HIS B 103 -23.42 19.15 -4.04
CA HIS B 103 -22.04 19.42 -3.70
C HIS B 103 -21.48 20.45 -4.68
N GLU B 104 -20.62 21.34 -4.16
CA GLU B 104 -20.04 22.40 -4.98
C GLU B 104 -19.30 21.89 -6.21
N ASN B 105 -18.71 20.69 -6.14
CA ASN B 105 -17.86 20.23 -7.23
C ASN B 105 -18.51 19.17 -8.09
N ILE B 106 -19.84 19.10 -8.11
CA ILE B 106 -20.56 18.34 -9.12
C ILE B 106 -21.55 19.26 -9.81
N VAL B 107 -21.95 18.86 -11.00
CA VAL B 107 -23.04 19.54 -11.71
C VAL B 107 -24.34 19.09 -11.07
N ASN B 108 -25.00 20.00 -10.33
CA ASN B 108 -26.11 19.58 -9.47
C ASN B 108 -27.43 19.50 -10.22
N LEU B 109 -28.25 18.55 -9.77
CA LEU B 109 -29.65 18.47 -10.19
C LEU B 109 -30.42 19.68 -9.72
N LEU B 110 -31.20 20.27 -10.63
CA LEU B 110 -32.06 21.39 -10.28
C LEU B 110 -33.54 21.09 -10.42
N GLY B 111 -33.92 20.10 -11.22
CA GLY B 111 -35.32 19.80 -11.44
C GLY B 111 -35.45 18.77 -12.54
N ALA B 112 -36.72 18.43 -12.83
CA ALA B 112 -36.97 17.44 -13.85
C ALA B 112 -38.36 17.68 -14.40
N CYS B 113 -38.56 17.23 -15.63
CA CYS B 113 -39.89 17.19 -16.25
C CYS B 113 -40.21 15.73 -16.51
N THR B 114 -41.23 15.21 -15.83
CA THR B 114 -41.65 13.83 -16.04
C THR B 114 -43.12 13.73 -16.42
N HIS B 115 -43.97 14.58 -15.86
CA HIS B 115 -45.38 14.59 -16.21
C HIS B 115 -45.56 15.06 -17.65
N GLY B 116 -46.45 14.39 -18.37
CA GLY B 116 -46.88 14.87 -19.68
C GLY B 116 -45.83 14.93 -20.77
N GLY B 117 -44.88 13.99 -20.78
CA GLY B 117 -43.90 13.94 -21.84
C GLY B 117 -42.64 13.19 -21.44
N PRO B 118 -41.67 13.13 -22.35
CA PRO B 118 -40.43 12.41 -22.06
C PRO B 118 -39.65 13.08 -20.94
N THR B 119 -38.81 12.29 -20.29
CA THR B 119 -38.06 12.78 -19.14
C THR B 119 -37.04 13.83 -19.56
N LEU B 120 -37.08 14.97 -18.88
CA LEU B 120 -36.08 16.02 -19.03
C LEU B 120 -35.39 16.18 -17.68
N VAL B 121 -34.07 16.15 -17.67
CA VAL B 121 -33.31 16.30 -16.43
C VAL B 121 -32.62 17.66 -16.47
N ILE B 122 -32.93 18.52 -15.49
CA ILE B 122 -32.45 19.89 -15.46
C ILE B 122 -31.30 19.98 -14.47
N THR B 123 -30.14 20.44 -14.96
CA THR B 123 -28.96 20.57 -14.11
C THR B 123 -28.40 21.99 -14.18
N GLU B 124 -27.41 22.26 -13.33
CA GLU B 124 -26.70 23.52 -13.42
C GLU B 124 -26.00 23.64 -14.77
N TYR B 125 -25.89 24.87 -15.25
CA TYR B 125 -25.17 25.21 -16.47
C TYR B 125 -23.80 25.76 -16.10
N CYS B 126 -22.76 25.25 -16.77
CA CYS B 126 -21.36 25.64 -16.50
C CYS B 126 -20.85 26.47 -17.68
N CYS B 127 -20.67 27.77 -17.46
CA CYS B 127 -20.55 28.71 -18.59
C CYS B 127 -19.24 28.56 -19.39
N TYR B 128 -18.22 27.91 -18.84
CA TYR B 128 -16.94 27.83 -19.55
C TYR B 128 -16.73 26.48 -20.22
N GLY B 129 -17.70 25.58 -20.16
CA GLY B 129 -17.56 24.32 -20.85
C GLY B 129 -16.58 23.37 -20.19
N ASP B 130 -16.20 22.36 -20.97
CA ASP B 130 -15.41 21.28 -20.41
C ASP B 130 -13.94 21.69 -20.26
N LEU B 131 -13.32 21.09 -19.23
CA LEU B 131 -11.97 21.45 -18.86
C LEU B 131 -10.94 21.04 -19.92
N LEU B 132 -11.20 19.95 -20.65
CA LEU B 132 -10.24 19.51 -21.66
C LEU B 132 -10.09 20.56 -22.75
N ASN B 133 -11.21 21.05 -23.30
CA ASN B 133 -11.13 22.08 -24.31
C ASN B 133 -10.60 23.38 -23.73
N PHE B 134 -10.93 23.68 -22.47
CA PHE B 134 -10.39 24.87 -21.82
C PHE B 134 -8.87 24.82 -21.74
N LEU B 135 -8.33 23.69 -21.29
CA LEU B 135 -6.88 23.56 -21.19
C LEU B 135 -6.23 23.71 -22.56
N ARG B 136 -6.81 23.10 -23.59
CA ARG B 136 -6.22 23.16 -24.92
C ARG B 136 -6.22 24.58 -25.48
N ARG B 137 -7.23 25.39 -25.17
CA ARG B 137 -7.21 26.75 -25.69
C ARG B 137 -6.37 27.69 -24.84
N LYS B 138 -6.11 27.33 -23.58
CA LYS B 138 -5.23 28.12 -22.71
C LYS B 138 -3.78 27.66 -22.77
N ARG B 139 -3.49 26.59 -23.51
CA ARG B 139 -2.18 25.97 -23.48
C ARG B 139 -1.08 26.95 -23.90
N ASP B 140 -1.33 27.72 -24.96
CA ASP B 140 -0.29 28.60 -25.49
C ASP B 140 0.02 29.75 -24.56
N GLU B 141 -0.94 30.19 -23.74
CA GLU B 141 -0.74 31.32 -22.84
C GLU B 141 -0.36 30.89 -21.42
N PHE B 142 -0.21 29.58 -21.17
CA PHE B 142 0.08 29.10 -19.83
C PHE B 142 1.45 29.55 -19.37
N VAL B 143 1.53 29.98 -18.11
CA VAL B 143 2.81 30.32 -17.48
CA VAL B 143 2.81 30.30 -17.50
C VAL B 143 2.82 29.73 -16.08
N PRO B 144 3.85 28.98 -15.70
CA PRO B 144 3.80 28.33 -14.38
C PRO B 144 3.58 29.31 -13.23
N TYR B 145 4.24 30.47 -13.25
CA TYR B 145 4.07 31.49 -12.23
C TYR B 145 3.63 32.81 -12.86
N LYS B 146 2.64 33.44 -12.24
CA LYS B 146 2.18 34.76 -12.65
C LYS B 146 3.20 35.84 -12.28
N ASP B 155 -5.68 36.87 -18.32
CA ASP B 155 -6.05 35.78 -17.42
C ASP B 155 -5.34 34.50 -17.82
N PHE B 156 -4.03 34.48 -17.64
CA PHE B 156 -3.24 33.31 -18.01
C PHE B 156 -3.44 32.20 -16.98
N LEU B 157 -3.46 30.97 -17.48
CA LEU B 157 -3.46 29.78 -16.62
C LEU B 157 -2.08 29.60 -15.99
N THR B 158 -2.05 29.21 -14.71
CA THR B 158 -0.80 29.03 -13.96
C THR B 158 -0.84 27.71 -13.20
N LEU B 159 0.31 27.36 -12.60
CA LEU B 159 0.37 26.14 -11.79
CA LEU B 159 0.38 26.15 -11.78
C LEU B 159 -0.64 26.18 -10.65
N GLU B 160 -0.85 27.36 -10.05
CA GLU B 160 -1.84 27.49 -8.98
C GLU B 160 -3.22 27.08 -9.45
N HIS B 161 -3.58 27.45 -10.68
CA HIS B 161 -4.88 27.03 -11.22
C HIS B 161 -4.96 25.52 -11.35
N LEU B 162 -3.90 24.89 -11.87
CA LEU B 162 -3.95 23.46 -12.09
C LEU B 162 -4.06 22.72 -10.76
N LEU B 163 -3.32 23.17 -9.75
CA LEU B 163 -3.44 22.55 -8.43
CA LEU B 163 -3.44 22.56 -8.42
C LEU B 163 -4.85 22.72 -7.88
N SER B 164 -5.45 23.90 -8.05
CA SER B 164 -6.82 24.10 -7.59
C SER B 164 -7.79 23.15 -8.29
N PHE B 165 -7.64 22.99 -9.62
CA PHE B 165 -8.52 22.06 -10.33
C PHE B 165 -8.35 20.63 -9.82
N SER B 166 -7.10 20.20 -9.56
CA SER B 166 -6.89 18.85 -9.05
C SER B 166 -7.59 18.67 -7.72
N TYR B 167 -7.53 19.70 -6.87
CA TYR B 167 -8.11 19.65 -5.54
C TYR B 167 -9.61 19.54 -5.60
N GLN B 168 -10.22 20.40 -6.43
CA GLN B 168 -11.69 20.43 -6.54
C GLN B 168 -12.23 19.12 -7.08
N VAL B 169 -11.59 18.56 -8.12
CA VAL B 169 -12.08 17.29 -8.65
C VAL B 169 -11.95 16.19 -7.61
N ALA B 170 -10.85 16.21 -6.86
CA ALA B 170 -10.70 15.23 -5.78
C ALA B 170 -11.78 15.39 -4.73
N LYS B 171 -12.17 16.62 -4.41
CA LYS B 171 -13.21 16.82 -3.40
C LYS B 171 -14.56 16.33 -3.92
N GLY B 172 -14.85 16.57 -5.20
CA GLY B 172 -16.11 16.08 -5.76
C GLY B 172 -16.16 14.57 -5.75
N MET B 173 -15.04 13.93 -6.10
CA MET B 173 -15.00 12.47 -6.11
C MET B 173 -15.04 11.90 -4.70
N ALA B 174 -14.36 12.54 -3.74
CA ALA B 174 -14.51 12.14 -2.35
C ALA B 174 -15.96 12.18 -1.92
N PHE B 175 -16.69 13.20 -2.36
CA PHE B 175 -18.12 13.29 -2.05
C PHE B 175 -18.88 12.11 -2.64
N LEU B 176 -18.65 11.81 -3.92
CA LEU B 176 -19.30 10.64 -4.53
C LEU B 176 -18.99 9.38 -3.76
N ALA B 177 -17.72 9.16 -3.44
CA ALA B 177 -17.36 7.96 -2.71
C ALA B 177 -18.03 7.92 -1.34
N SER B 178 -18.19 9.08 -0.70
CA SER B 178 -18.81 9.09 0.63
C SER B 178 -20.28 8.69 0.56
N LYS B 179 -20.90 8.83 -0.60
CA LYS B 179 -22.25 8.36 -0.85
C LYS B 179 -22.29 6.97 -1.47
N ASN B 180 -21.16 6.25 -1.44
CA ASN B 180 -21.04 4.89 -1.97
C ASN B 180 -21.29 4.84 -3.47
N CYS B 181 -20.89 5.90 -4.17
CA CYS B 181 -21.15 6.06 -5.60
CA CYS B 181 -21.14 5.99 -5.60
C CYS B 181 -19.84 6.03 -6.37
N ILE B 182 -19.87 5.41 -7.54
CA ILE B 182 -18.79 5.47 -8.51
C ILE B 182 -19.31 6.14 -9.77
N HIS B 183 -18.43 6.84 -10.46
CA HIS B 183 -18.80 7.62 -11.64
C HIS B 183 -18.60 6.85 -12.94
N ARG B 184 -17.48 6.16 -13.07
CA ARG B 184 -17.13 5.24 -14.15
C ARG B 184 -16.74 5.92 -15.47
N ASP B 185 -16.73 7.25 -15.55
CA ASP B 185 -16.18 7.91 -16.74
C ASP B 185 -15.53 9.23 -16.35
N LEU B 186 -14.66 9.17 -15.35
CA LEU B 186 -13.93 10.36 -14.94
C LEU B 186 -12.80 10.63 -15.94
N ALA B 187 -12.72 11.88 -16.38
CA ALA B 187 -11.86 12.33 -17.47
C ALA B 187 -12.03 13.84 -17.57
N ALA B 188 -11.00 14.53 -18.10
CA ALA B 188 -11.09 15.98 -18.23
C ALA B 188 -12.29 16.42 -19.06
N ARG B 189 -12.69 15.64 -20.07
CA ARG B 189 -13.87 15.98 -20.86
C ARG B 189 -15.15 15.98 -20.04
N ASN B 190 -15.17 15.33 -18.88
CA ASN B 190 -16.35 15.30 -18.02
C ASN B 190 -16.18 16.14 -16.76
N ILE B 191 -15.24 17.08 -16.79
CA ILE B 191 -15.13 18.12 -15.78
C ILE B 191 -15.48 19.43 -16.45
N LEU B 192 -16.42 20.20 -15.86
CA LEU B 192 -16.82 21.47 -16.42
C LEU B 192 -16.35 22.60 -15.54
N LEU B 193 -16.25 23.78 -16.14
CA LEU B 193 -15.74 24.97 -15.48
C LEU B 193 -16.82 26.03 -15.48
N THR B 194 -17.03 26.66 -14.33
CA THR B 194 -18.01 27.72 -14.23
C THR B 194 -17.39 28.93 -13.54
N HIS B 195 -18.23 29.89 -13.16
CA HIS B 195 -17.73 31.13 -12.59
C HIS B 195 -16.88 30.88 -11.35
N GLY B 196 -15.86 31.71 -11.18
CA GLY B 196 -14.99 31.62 -10.03
C GLY B 196 -13.96 30.51 -10.08
N ASN B 197 -13.65 29.99 -11.27
CA ASN B 197 -12.72 28.87 -11.42
C ASN B 197 -13.18 27.65 -10.63
N ILE B 198 -14.49 27.45 -10.53
CA ILE B 198 -15.04 26.29 -9.86
C ILE B 198 -15.22 25.18 -10.88
N THR B 199 -14.70 23.99 -10.59
CA THR B 199 -14.82 22.83 -11.47
C THR B 199 -15.90 21.90 -10.92
N LYS B 200 -16.66 21.30 -11.84
CA LYS B 200 -17.78 20.45 -11.48
C LYS B 200 -17.75 19.19 -12.34
N ILE B 201 -17.86 18.04 -11.67
CA ILE B 201 -17.94 16.77 -12.37
C ILE B 201 -19.31 16.64 -13.02
N CYS B 202 -19.33 16.21 -14.28
CA CYS B 202 -20.61 16.09 -14.99
C CYS B 202 -20.77 14.69 -15.58
N ASP B 203 -21.95 14.47 -16.15
CA ASP B 203 -22.38 13.25 -16.83
C ASP B 203 -22.41 12.05 -15.90
N PHE B 204 -23.56 11.84 -15.26
CA PHE B 204 -23.74 10.75 -14.32
C PHE B 204 -24.51 9.59 -14.94
N GLY B 205 -24.49 9.46 -16.27
CA GLY B 205 -25.25 8.39 -16.91
C GLY B 205 -24.79 7.00 -16.51
N LEU B 206 -23.51 6.84 -16.21
CA LEU B 206 -22.99 5.55 -15.82
C LEU B 206 -22.73 5.45 -14.33
N ALA B 207 -23.06 6.47 -13.56
CA ALA B 207 -22.79 6.42 -12.13
C ALA B 207 -23.66 5.36 -11.46
N ARG B 208 -23.11 4.69 -10.46
CA ARG B 208 -23.79 3.60 -9.79
C ARG B 208 -23.56 3.70 -8.30
N ASP B 209 -24.58 3.37 -7.52
CA ASP B 209 -24.41 3.09 -6.11
C ASP B 209 -23.96 1.65 -5.97
N ILE B 210 -22.84 1.42 -5.30
CA ILE B 210 -22.30 0.07 -5.21
C ILE B 210 -22.27 -0.43 -3.76
N LYS B 211 -23.16 0.13 -2.94
CA LYS B 211 -23.15 -0.22 -1.52
C LYS B 211 -23.34 -1.71 -1.28
N ASN B 212 -24.06 -2.39 -2.18
CA ASN B 212 -24.43 -3.77 -1.94
C ASN B 212 -23.26 -4.72 -2.18
N ASP B 213 -22.60 -4.62 -3.34
CA ASP B 213 -21.63 -5.63 -3.78
C ASP B 213 -20.18 -5.18 -3.63
N SER B 214 -19.94 -3.91 -3.31
CA SER B 214 -18.60 -3.32 -3.23
C SER B 214 -17.92 -3.24 -4.59
N ASN B 215 -18.63 -3.63 -5.64
CA ASN B 215 -18.17 -3.37 -7.01
C ASN B 215 -19.39 -3.31 -7.93
N TYR B 216 -19.12 -3.16 -9.21
CA TYR B 216 -20.13 -3.23 -10.26
C TYR B 216 -19.52 -3.97 -11.43
N VAL B 217 -20.21 -4.98 -11.93
CA VAL B 217 -19.76 -5.74 -13.09
C VAL B 217 -20.60 -5.30 -14.27
N ASP B 218 -19.97 -4.66 -15.25
CA ASP B 218 -20.72 -4.11 -16.38
C ASP B 218 -21.06 -5.23 -17.36
N LYS B 219 -22.36 -5.49 -17.52
CA LYS B 219 -22.85 -6.47 -18.49
C LYS B 219 -23.27 -5.82 -19.80
N GLY B 220 -23.10 -4.50 -19.94
CA GLY B 220 -23.46 -3.81 -21.14
C GLY B 220 -22.48 -4.05 -22.27
N ASN B 221 -22.78 -3.42 -23.42
CA ASN B 221 -21.99 -3.57 -24.63
C ASN B 221 -21.96 -2.23 -25.38
N ALA B 222 -21.31 -1.24 -24.78
CA ALA B 222 -21.15 0.08 -25.37
C ALA B 222 -19.66 0.38 -25.53
N ARG B 223 -19.36 1.40 -26.33
CA ARG B 223 -17.98 1.84 -26.46
C ARG B 223 -17.47 2.38 -25.14
N LEU B 224 -16.22 2.07 -24.82
CA LEU B 224 -15.65 2.32 -23.50
C LEU B 224 -14.42 3.22 -23.59
N PRO B 225 -14.17 4.02 -22.55
CA PRO B 225 -13.01 4.95 -22.55
C PRO B 225 -11.73 4.25 -22.13
N VAL B 226 -11.23 3.39 -23.02
CA VAL B 226 -10.20 2.40 -22.64
C VAL B 226 -8.99 3.06 -21.96
N LYS B 227 -8.49 4.16 -22.53
CA LYS B 227 -7.25 4.74 -21.99
C LYS B 227 -7.43 5.36 -20.60
N TRP B 228 -8.67 5.48 -20.12
CA TRP B 228 -8.94 5.97 -18.79
C TRP B 228 -9.24 4.87 -17.79
N MET B 229 -9.35 3.62 -18.25
CA MET B 229 -9.89 2.54 -17.43
C MET B 229 -8.80 1.80 -16.66
N ALA B 230 -9.14 1.39 -15.45
CA ALA B 230 -8.26 0.50 -14.69
C ALA B 230 -8.15 -0.86 -15.37
N PRO B 231 -7.01 -1.54 -15.24
CA PRO B 231 -6.86 -2.84 -15.90
C PRO B 231 -7.93 -3.83 -15.50
N GLU B 232 -8.36 -3.84 -14.24
CA GLU B 232 -9.39 -4.81 -13.85
C GLU B 232 -10.72 -4.47 -14.48
N SER B 233 -10.95 -3.21 -14.85
CA SER B 233 -12.19 -2.91 -15.57
C SER B 233 -12.12 -3.37 -17.03
N ILE B 234 -10.95 -3.21 -17.66
CA ILE B 234 -10.78 -3.70 -19.02
C ILE B 234 -10.90 -5.21 -19.06
N PHE B 235 -10.14 -5.90 -18.19
CA PHE B 235 -9.98 -7.35 -18.32
C PHE B 235 -11.15 -8.12 -17.71
N ASN B 236 -11.80 -7.57 -16.69
CA ASN B 236 -12.85 -8.29 -15.98
C ASN B 236 -14.15 -7.51 -15.83
N SER B 237 -14.24 -6.32 -16.42
CA SER B 237 -15.44 -5.48 -16.39
C SER B 237 -15.87 -5.13 -14.97
N VAL B 238 -14.91 -5.03 -14.05
CA VAL B 238 -15.18 -4.72 -12.64
CA VAL B 238 -15.22 -4.71 -12.66
C VAL B 238 -14.88 -3.25 -12.40
N TYR B 239 -15.84 -2.54 -11.81
CA TYR B 239 -15.70 -1.13 -11.46
C TYR B 239 -15.89 -0.97 -9.96
N THR B 240 -15.07 -0.13 -9.36
CA THR B 240 -15.01 0.01 -7.90
C THR B 240 -14.64 1.45 -7.56
N PHE B 241 -14.68 1.77 -6.26
CA PHE B 241 -14.04 3.01 -5.80
C PHE B 241 -12.62 3.13 -6.35
N GLU B 242 -11.86 2.02 -6.35
CA GLU B 242 -10.46 2.03 -6.76
C GLU B 242 -10.29 2.23 -8.26
N SER B 243 -11.26 1.81 -9.09
CA SER B 243 -11.10 2.10 -10.50
C SER B 243 -11.39 3.56 -10.83
N ASP B 244 -12.29 4.19 -10.08
CA ASP B 244 -12.45 5.65 -10.22
C ASP B 244 -11.15 6.37 -9.86
N VAL B 245 -10.43 5.88 -8.85
CA VAL B 245 -9.16 6.51 -8.49
C VAL B 245 -8.14 6.35 -9.63
N TRP B 246 -8.10 5.19 -10.28
CA TRP B 246 -7.24 5.04 -11.45
C TRP B 246 -7.53 6.13 -12.48
N SER B 247 -8.81 6.33 -12.80
CA SER B 247 -9.18 7.32 -13.80
C SER B 247 -8.81 8.73 -13.36
N TYR B 248 -8.92 9.01 -12.06
CA TYR B 248 -8.47 10.31 -11.56
C TYR B 248 -6.98 10.52 -11.85
N GLY B 249 -6.17 9.47 -11.71
CA GLY B 249 -4.76 9.60 -12.08
C GLY B 249 -4.56 9.96 -13.54
N ILE B 250 -5.37 9.36 -14.41
CA ILE B 250 -5.29 9.71 -15.83
C ILE B 250 -5.72 11.15 -16.04
N PHE B 251 -6.81 11.56 -15.38
CA PHE B 251 -7.20 12.97 -15.41
C PHE B 251 -6.05 13.89 -14.98
N LEU B 252 -5.33 13.53 -13.92
CA LEU B 252 -4.22 14.38 -13.48
C LEU B 252 -3.17 14.51 -14.58
N TRP B 253 -2.92 13.43 -15.31
CA TRP B 253 -1.98 13.52 -16.42
C TRP B 253 -2.49 14.47 -17.50
N GLU B 254 -3.79 14.35 -17.86
CA GLU B 254 -4.36 15.29 -18.82
C GLU B 254 -4.23 16.72 -18.34
N LEU B 255 -4.50 16.95 -17.05
CA LEU B 255 -4.49 18.28 -16.49
C LEU B 255 -3.10 18.91 -16.57
N PHE B 256 -2.10 18.21 -16.05
CA PHE B 256 -0.78 18.82 -16.00
C PHE B 256 -0.07 18.78 -17.35
N SER B 257 -0.56 17.99 -18.32
CA SER B 257 -0.08 18.07 -19.69
CA SER B 257 -0.09 18.07 -19.70
C SER B 257 -0.82 19.13 -20.50
N LEU B 258 -1.69 19.90 -19.86
CA LEU B 258 -2.43 20.98 -20.51
C LEU B 258 -3.31 20.44 -21.65
N GLY B 259 -3.87 19.26 -21.43
CA GLY B 259 -4.86 18.72 -22.33
C GLY B 259 -4.38 17.73 -23.36
N SER B 260 -3.20 17.16 -23.20
CA SER B 260 -2.76 16.13 -24.13
CA SER B 260 -2.76 16.13 -24.13
C SER B 260 -3.60 14.87 -23.97
N SER B 261 -3.77 14.13 -25.06
CA SER B 261 -4.45 12.85 -24.99
C SER B 261 -3.52 11.84 -24.31
N PRO B 262 -4.06 10.96 -23.47
CA PRO B 262 -3.20 10.01 -22.75
C PRO B 262 -2.57 8.98 -23.67
N TYR B 263 -1.47 8.40 -23.19
CA TYR B 263 -0.64 7.46 -23.93
C TYR B 263 -0.41 7.94 -25.36
N PRO B 264 0.29 9.07 -25.53
CA PRO B 264 0.48 9.62 -26.88
C PRO B 264 1.20 8.63 -27.77
N GLY B 265 0.74 8.54 -29.02
CA GLY B 265 1.33 7.63 -29.97
C GLY B 265 1.08 6.16 -29.72
N MET B 266 0.09 5.82 -28.90
CA MET B 266 -0.24 4.43 -28.63
C MET B 266 -1.67 4.14 -29.07
N PRO B 267 -1.89 3.35 -30.10
CA PRO B 267 -3.26 2.91 -30.41
C PRO B 267 -3.74 1.95 -29.33
N VAL B 268 -5.06 1.85 -29.21
CA VAL B 268 -5.65 0.82 -28.35
C VAL B 268 -5.64 -0.49 -29.15
N ASP B 269 -4.74 -1.39 -28.79
CA ASP B 269 -4.58 -2.66 -29.50
C ASP B 269 -4.00 -3.67 -28.51
N SER B 270 -3.65 -4.86 -29.04
CA SER B 270 -3.11 -5.92 -28.19
CA SER B 270 -3.13 -5.91 -28.16
C SER B 270 -1.86 -5.45 -27.44
N LYS B 271 -1.02 -4.67 -28.11
CA LYS B 271 0.20 -4.20 -27.48
C LYS B 271 -0.10 -3.27 -26.32
N PHE B 272 -1.10 -2.39 -26.46
CA PHE B 272 -1.50 -1.53 -25.36
C PHE B 272 -1.90 -2.34 -24.13
N TYR B 273 -2.79 -3.31 -24.31
CA TYR B 273 -3.27 -4.06 -23.16
C TYR B 273 -2.13 -4.81 -22.49
N LYS B 274 -1.25 -5.42 -23.29
CA LYS B 274 -0.14 -6.18 -22.72
C LYS B 274 0.79 -5.26 -21.94
N MET B 275 1.09 -4.08 -22.49
CA MET B 275 1.97 -3.14 -21.79
C MET B 275 1.36 -2.70 -20.47
N ILE B 276 0.07 -2.34 -20.46
CA ILE B 276 -0.56 -1.95 -19.21
C ILE B 276 -0.51 -3.08 -18.20
N LYS B 277 -0.85 -4.30 -18.65
CA LYS B 277 -0.83 -5.44 -17.74
C LYS B 277 0.56 -5.68 -17.16
N GLU B 278 1.60 -5.48 -17.96
CA GLU B 278 2.97 -5.73 -17.52
C GLU B 278 3.51 -4.63 -16.62
N GLY B 279 2.85 -3.47 -16.56
CA GLY B 279 3.19 -2.43 -15.61
C GLY B 279 3.62 -1.12 -16.24
N PHE B 280 3.49 -0.99 -17.56
CA PHE B 280 3.81 0.29 -18.17
C PHE B 280 2.90 1.39 -17.66
N ARG B 281 3.48 2.55 -17.38
CA ARG B 281 2.74 3.73 -16.95
C ARG B 281 3.35 4.95 -17.64
N MET B 282 2.49 5.95 -17.89
CA MET B 282 2.96 7.20 -18.47
C MET B 282 3.98 7.90 -17.57
N SER B 283 4.92 8.58 -18.20
CA SER B 283 5.87 9.43 -17.52
CA SER B 283 5.87 9.41 -17.49
C SER B 283 5.21 10.72 -17.07
N SER B 284 5.92 11.48 -16.25
CA SER B 284 5.36 12.71 -15.72
C SER B 284 5.18 13.74 -16.84
N PRO B 285 4.07 14.46 -16.84
CA PRO B 285 4.02 15.69 -17.65
C PRO B 285 5.08 16.68 -17.18
N GLU B 286 5.55 17.50 -18.12
CA GLU B 286 6.63 18.44 -17.83
CA GLU B 286 6.64 18.42 -17.82
C GLU B 286 6.30 19.32 -16.64
N TYR B 287 5.05 19.80 -16.57
CA TYR B 287 4.69 20.81 -15.57
C TYR B 287 4.02 20.23 -14.34
N ALA B 288 3.93 18.92 -14.22
CA ALA B 288 3.41 18.32 -13.00
C ALA B 288 4.43 18.49 -11.88
N PRO B 289 4.04 19.03 -10.73
CA PRO B 289 4.91 18.92 -9.54
C PRO B 289 5.19 17.46 -9.26
N ALA B 290 6.40 17.17 -8.77
CA ALA B 290 6.76 15.78 -8.48
C ALA B 290 5.76 15.13 -7.53
N GLU B 291 5.27 15.88 -6.55
CA GLU B 291 4.29 15.32 -5.61
C GLU B 291 2.96 14.99 -6.28
N MET B 292 2.62 15.68 -7.38
CA MET B 292 1.41 15.33 -8.10
C MET B 292 1.65 14.11 -9.00
N TYR B 293 2.83 14.00 -9.60
CA TYR B 293 3.14 12.76 -10.29
C TYR B 293 3.17 11.59 -9.32
N ASP B 294 3.61 11.81 -8.08
CA ASP B 294 3.58 10.73 -7.10
C ASP B 294 2.15 10.24 -6.88
N ILE B 295 1.18 11.15 -6.80
CA ILE B 295 -0.22 10.75 -6.70
C ILE B 295 -0.62 9.93 -7.91
N MET B 296 -0.26 10.39 -9.11
CA MET B 296 -0.58 9.64 -10.33
C MET B 296 -0.08 8.20 -10.25
N LYS B 297 1.17 8.02 -9.84
CA LYS B 297 1.73 6.67 -9.81
C LYS B 297 1.00 5.78 -8.82
N THR B 298 0.58 6.33 -7.68
CA THR B 298 -0.17 5.49 -6.73
C THR B 298 -1.58 5.21 -7.24
N CYS B 299 -2.20 6.18 -7.94
CA CYS B 299 -3.50 5.90 -8.55
C CYS B 299 -3.43 4.76 -9.54
N TRP B 300 -2.26 4.54 -10.16
CA TRP B 300 -2.09 3.53 -11.18
C TRP B 300 -1.45 2.24 -10.65
N ASP B 301 -1.50 1.99 -9.34
CA ASP B 301 -0.99 0.72 -8.83
C ASP B 301 -1.79 -0.43 -9.44
N ALA B 302 -1.09 -1.46 -9.90
CA ALA B 302 -1.81 -2.61 -10.45
C ALA B 302 -2.70 -3.26 -9.39
N ASP B 303 -2.31 -3.15 -8.11
CA ASP B 303 -3.11 -3.70 -7.02
C ASP B 303 -4.11 -2.64 -6.58
N PRO B 304 -5.42 -2.82 -6.80
CA PRO B 304 -6.37 -1.79 -6.38
C PRO B 304 -6.27 -1.44 -4.90
N ASP B 305 -5.85 -2.38 -4.05
CA ASP B 305 -5.81 -2.12 -2.62
C ASP B 305 -4.71 -1.16 -2.21
N LYS B 306 -3.74 -0.91 -3.10
CA LYS B 306 -2.64 0.00 -2.82
C LYS B 306 -2.89 1.41 -3.31
N ARG B 307 -3.94 1.62 -4.09
CA ARG B 307 -4.25 2.95 -4.56
C ARG B 307 -4.78 3.79 -3.39
N PRO B 308 -4.54 5.11 -3.40
CA PRO B 308 -5.10 5.96 -2.36
C PRO B 308 -6.61 6.07 -2.51
N THR B 309 -7.27 6.44 -1.42
CA THR B 309 -8.67 6.82 -1.52
C THR B 309 -8.77 8.29 -1.90
N PHE B 310 -9.95 8.72 -2.37
CA PHE B 310 -10.09 10.15 -2.65
C PHE B 310 -9.95 10.97 -1.38
N LYS B 311 -10.37 10.44 -0.23
CA LYS B 311 -10.17 11.15 1.03
C LYS B 311 -8.68 11.40 1.26
N GLN B 312 -7.84 10.40 1.01
CA GLN B 312 -6.40 10.59 1.17
C GLN B 312 -5.85 11.58 0.16
N ILE B 313 -6.33 11.52 -1.07
CA ILE B 313 -5.84 12.43 -2.11
C ILE B 313 -6.16 13.87 -1.74
N VAL B 314 -7.39 14.11 -1.27
CA VAL B 314 -7.78 15.45 -0.85
C VAL B 314 -6.82 15.99 0.23
N GLN B 315 -6.50 15.18 1.24
CA GLN B 315 -5.57 15.62 2.28
C GLN B 315 -4.19 15.93 1.73
N ASP B 316 -3.72 15.09 0.81
CA ASP B 316 -2.41 15.29 0.20
C ASP B 316 -2.35 16.62 -0.55
N ILE B 317 -3.32 16.85 -1.43
CA ILE B 317 -3.32 18.08 -2.22
C ILE B 317 -3.54 19.29 -1.33
N GLU B 318 -4.38 19.18 -0.31
CA GLU B 318 -4.53 20.24 0.69
C GLU B 318 -3.18 20.70 1.20
N LYS B 319 -2.32 19.74 1.56
CA LYS B 319 -1.01 20.09 2.11
C LYS B 319 -0.12 20.73 1.05
N GLN B 320 -0.19 20.24 -0.19
CA GLN B 320 0.58 20.85 -1.27
C GLN B 320 0.16 22.30 -1.50
N ILE B 321 -1.14 22.58 -1.49
CA ILE B 321 -1.60 23.95 -1.67
C ILE B 321 -1.08 24.84 -0.55
N SER B 322 -1.18 24.37 0.70
CA SER B 322 -0.74 25.19 1.82
CA SER B 322 -0.73 25.18 1.83
C SER B 322 0.76 25.45 1.76
N GLU B 323 1.54 24.46 1.33
CA GLU B 323 2.98 24.60 1.29
C GLU B 323 3.46 25.48 0.14
N SER B 324 2.68 25.61 -0.93
CA SER B 324 2.94 26.61 -1.95
C SER B 324 2.30 27.95 -1.61
N THR B 325 1.66 28.06 -0.45
CA THR B 325 1.00 29.29 0.02
C THR B 325 -0.03 29.80 -0.97
#